data_1O3Y
#
_entry.id   1O3Y
#
_cell.length_a   127.605
_cell.length_b   50.770
_cell.length_c   52.081
_cell.angle_alpha   90.00
_cell.angle_beta   113.37
_cell.angle_gamma   90.00
#
_symmetry.space_group_name_H-M   'C 1 2 1'
#
loop_
_entity.id
_entity.type
_entity.pdbx_description
1 polymer 'ADP-ribosylation factor 1'
2 non-polymer 'MAGNESIUM ION'
3 non-polymer "GUANOSINE-5'-TRIPHOSPHATE"
4 water water
#
_entity_poly.entity_id   1
_entity_poly.type   'polypeptide(L)'
_entity_poly.pdbx_seq_one_letter_code
;GSMRILMVGLDAAGKTTILYKLKLGEIVTTIPTIGFNVETVEYKNISFTVWDVGGLDKIRPLWRHYFQNTQGLIFVVDSN
DRERVNEAREELMRMLAEDELRDAVLLVFANKQDLPNAMNAAEITDKLGLHSLRHRNWYIQATCATSGDGLYEGLDWLSN
QLRNQK
;
_entity_poly.pdbx_strand_id   A,B
#
loop_
_chem_comp.id
_chem_comp.type
_chem_comp.name
_chem_comp.formula
GTP non-polymer GUANOSINE-5'-TRIPHOSPHATE 'C10 H16 N5 O14 P3'
MG non-polymer 'MAGNESIUM ION' 'Mg 2'
#
# COMPACT_ATOMS: atom_id res chain seq x y z
N GLY A 1 -40.19 7.58 -5.57
CA GLY A 1 -39.08 6.76 -5.01
C GLY A 1 -37.72 7.42 -5.12
N SER A 2 -36.85 7.08 -4.18
CA SER A 2 -35.46 7.53 -4.21
C SER A 2 -34.57 6.30 -4.26
N MET A 3 -33.29 6.50 -4.55
CA MET A 3 -32.31 5.42 -4.56
C MET A 3 -31.84 5.13 -3.14
N ARG A 4 -31.96 3.89 -2.70
CA ARG A 4 -31.60 3.54 -1.34
C ARG A 4 -30.13 3.21 -1.23
N ILE A 5 -29.41 4.00 -0.44
CA ILE A 5 -27.97 3.85 -0.25
C ILE A 5 -27.70 3.56 1.21
N LEU A 6 -26.93 2.49 1.46
CA LEU A 6 -26.46 2.19 2.82
C LEU A 6 -25.00 2.58 2.92
N MET A 7 -24.70 3.49 3.86
CA MET A 7 -23.33 3.91 4.13
C MET A 7 -22.82 3.29 5.43
N VAL A 8 -21.84 2.41 5.29
CA VAL A 8 -21.31 1.68 6.43
C VAL A 8 -19.78 1.72 6.36
N GLY A 9 -19.13 1.10 7.34
CA GLY A 9 -17.69 1.20 7.53
C GLY A 9 -17.41 1.25 9.02
N LEU A 10 -16.15 1.02 9.40
CA LEU A 10 -15.79 1.01 10.83
C LEU A 10 -16.13 2.34 11.49
N ASP A 11 -16.29 2.31 12.81
CA ASP A 11 -16.39 3.56 13.56
C ASP A 11 -15.19 4.44 13.23
N ALA A 12 -15.38 5.75 13.29
CA ALA A 12 -14.35 6.77 13.07
C ALA A 12 -13.93 6.95 11.61
N ALA A 13 -14.58 6.25 10.68
CA ALA A 13 -14.17 6.29 9.27
C ALA A 13 -14.47 7.64 8.61
N GLY A 14 -15.53 8.31 9.09
CA GLY A 14 -15.95 9.59 8.55
C GLY A 14 -17.33 9.60 7.91
N LYS A 15 -18.12 8.54 8.14
CA LYS A 15 -19.46 8.40 7.55
C LYS A 15 -20.40 9.56 7.85
N THR A 16 -20.56 9.89 9.14
CA THR A 16 -21.44 10.99 9.51
C THR A 16 -20.95 12.33 8.98
N THR A 17 -19.63 12.52 9.00
CA THR A 17 -19.04 13.73 8.43
C THR A 17 -19.40 13.84 6.95
N ILE A 18 -19.28 12.74 6.22
CA ILE A 18 -19.64 12.71 4.81
C ILE A 18 -21.13 12.97 4.57
N LEU A 19 -22.00 12.34 5.38
CA LEU A 19 -23.43 12.54 5.19
C LEU A 19 -23.80 14.02 5.23
N TYR A 20 -23.33 14.72 6.26
CA TYR A 20 -23.72 16.10 6.45
C TYR A 20 -22.94 17.08 5.55
N LYS A 21 -21.74 16.69 5.13
CA LYS A 21 -21.03 17.49 4.13
C LYS A 21 -21.80 17.40 2.80
N LEU A 22 -22.20 16.19 2.42
CA LEU A 22 -23.00 16.02 1.21
C LEU A 22 -24.31 16.78 1.29
N LYS A 23 -25.01 16.68 2.42
CA LYS A 23 -26.36 17.24 2.53
C LYS A 23 -26.34 18.75 2.78
N LEU A 24 -25.47 19.18 3.68
CA LEU A 24 -25.54 20.54 4.19
C LEU A 24 -24.42 21.47 3.73
N GLY A 25 -23.36 20.89 3.17
CA GLY A 25 -22.23 21.67 2.71
C GLY A 25 -21.40 22.25 3.84
N GLU A 26 -21.45 21.59 4.99
CA GLU A 26 -20.69 22.02 6.15
C GLU A 26 -20.06 20.82 6.83
N ILE A 27 -19.04 21.10 7.65
CA ILE A 27 -18.41 20.06 8.45
C ILE A 27 -18.98 20.13 9.87
N VAL A 28 -19.71 19.08 10.23
CA VAL A 28 -20.41 19.06 11.50
C VAL A 28 -19.61 18.32 12.56
N THR A 29 -19.74 18.76 13.80
CA THR A 29 -19.19 18.03 14.94
C THR A 29 -20.04 16.79 15.18
N THR A 30 -19.37 15.67 15.41
CA THR A 30 -20.07 14.40 15.61
C THR A 30 -19.69 13.77 16.94
N ILE A 31 -20.51 12.80 17.34
CA ILE A 31 -20.12 11.75 18.29
C ILE A 31 -20.31 10.41 17.58
N PRO A 32 -19.71 9.33 18.10
CA PRO A 32 -19.97 8.00 17.56
C PRO A 32 -21.47 7.74 17.50
N THR A 33 -21.94 7.34 16.32
CA THR A 33 -23.37 7.21 16.05
C THR A 33 -23.88 5.92 16.64
N ILE A 34 -24.83 6.02 17.58
CA ILE A 34 -25.35 4.81 18.23
C ILE A 34 -26.39 4.03 17.44
N GLY A 35 -27.21 4.75 16.68
CA GLY A 35 -28.22 4.16 15.81
C GLY A 35 -27.88 4.45 14.35
N PHE A 36 -28.55 5.46 13.79
CA PHE A 36 -28.32 5.86 12.42
C PHE A 36 -28.69 7.32 12.19
N ASN A 37 -28.16 7.89 11.12
CA ASN A 37 -28.61 9.18 10.60
C ASN A 37 -29.09 8.93 9.18
N VAL A 38 -30.02 9.74 8.72
CA VAL A 38 -30.54 9.58 7.35
C VAL A 38 -30.85 10.95 6.72
N GLU A 39 -30.45 11.12 5.46
CA GLU A 39 -30.79 12.32 4.68
C GLU A 39 -30.96 11.89 3.24
N THR A 40 -31.81 12.61 2.52
CA THR A 40 -31.92 12.45 1.09
C THR A 40 -31.09 13.53 0.40
N VAL A 41 -30.18 13.10 -0.45
CA VAL A 41 -29.30 13.99 -1.18
C VAL A 41 -29.67 13.92 -2.67
N GLU A 42 -29.90 15.08 -3.26
CA GLU A 42 -30.12 15.15 -4.69
C GLU A 42 -28.81 15.49 -5.36
N TYR A 43 -28.45 14.69 -6.36
CA TYR A 43 -27.27 14.94 -7.16
C TYR A 43 -27.58 14.72 -8.64
N LYS A 44 -27.31 15.74 -9.46
CA LYS A 44 -27.58 15.69 -10.90
C LYS A 44 -28.97 15.15 -11.18
N ASN A 45 -29.93 15.67 -10.43
CA ASN A 45 -31.35 15.38 -10.58
C ASN A 45 -31.79 13.95 -10.22
N ILE A 46 -30.94 13.24 -9.47
CA ILE A 46 -31.28 11.92 -8.91
C ILE A 46 -31.25 12.05 -7.39
N SER A 47 -32.25 11.50 -6.72
CA SER A 47 -32.33 11.58 -5.26
C SER A 47 -31.89 10.29 -4.60
N PHE A 48 -30.93 10.42 -3.67
CA PHE A 48 -30.36 9.29 -2.92
C PHE A 48 -30.73 9.43 -1.46
N THR A 49 -31.43 8.43 -0.94
CA THR A 49 -31.63 8.34 0.51
C THR A 49 -30.46 7.59 1.10
N VAL A 50 -29.65 8.29 1.89
CA VAL A 50 -28.42 7.74 2.41
C VAL A 50 -28.56 7.45 3.89
N TRP A 51 -28.44 6.16 4.23
CA TRP A 51 -28.51 5.68 5.59
C TRP A 51 -27.10 5.54 6.14
N ASP A 52 -26.77 6.41 7.09
CA ASP A 52 -25.48 6.41 7.75
C ASP A 52 -25.65 5.65 9.06
N VAL A 53 -25.15 4.42 9.08
CA VAL A 53 -25.40 3.50 10.19
C VAL A 53 -24.13 3.35 11.02
N GLY A 54 -24.27 3.43 12.34
CA GLY A 54 -23.13 3.45 13.25
C GLY A 54 -22.21 2.25 13.09
N GLY A 55 -20.90 2.51 13.14
CA GLY A 55 -19.94 1.47 12.91
C GLY A 55 -19.19 0.92 14.11
N LEU A 56 -19.53 1.35 15.32
CA LEU A 56 -18.90 0.74 16.50
C LEU A 56 -19.16 -0.76 16.46
N ASP A 57 -18.13 -1.54 16.80
CA ASP A 57 -18.21 -2.99 16.69
C ASP A 57 -19.47 -3.57 17.33
N LYS A 58 -19.81 -3.11 18.54
CA LYS A 58 -20.96 -3.62 19.30
C LYS A 58 -22.26 -3.58 18.50
N ILE A 59 -22.40 -2.57 17.63
CA ILE A 59 -23.63 -2.36 16.89
C ILE A 59 -23.55 -2.77 15.40
N ARG A 60 -22.42 -3.30 14.98
CA ARG A 60 -22.30 -3.81 13.60
C ARG A 60 -23.34 -4.89 13.23
N PRO A 61 -23.77 -5.73 14.17
CA PRO A 61 -24.85 -6.69 13.86
C PRO A 61 -26.09 -6.00 13.28
N LEU A 62 -26.31 -4.73 13.64
CA LEU A 62 -27.52 -4.01 13.23
C LEU A 62 -27.50 -3.57 11.77
N TRP A 63 -26.33 -3.63 11.14
CA TRP A 63 -26.22 -3.31 9.72
C TRP A 63 -27.18 -4.15 8.87
N ARG A 64 -27.31 -5.44 9.23
CA ARG A 64 -28.16 -6.38 8.50
C ARG A 64 -29.62 -5.92 8.39
N HIS A 65 -30.08 -5.11 9.35
CA HIS A 65 -31.45 -4.59 9.32
C HIS A 65 -31.66 -3.59 8.20
N TYR A 66 -30.57 -3.14 7.58
CA TYR A 66 -30.63 -2.13 6.52
C TYR A 66 -30.30 -2.67 5.13
N PHE A 67 -30.02 -3.97 5.02
CA PHE A 67 -29.66 -4.56 3.72
C PHE A 67 -30.84 -4.59 2.75
N GLN A 68 -32.03 -4.91 3.27
CA GLN A 68 -33.21 -5.10 2.43
C GLN A 68 -33.48 -3.93 1.51
N ASN A 69 -33.54 -4.21 0.20
CA ASN A 69 -33.88 -3.22 -0.84
C ASN A 69 -32.81 -2.18 -1.13
N THR A 70 -31.63 -2.32 -0.52
CA THR A 70 -30.52 -1.40 -0.77
C THR A 70 -29.99 -1.56 -2.19
N GLN A 71 -29.82 -0.44 -2.87
CA GLN A 71 -29.39 -0.41 -4.27
C GLN A 71 -27.93 -0.08 -4.41
N GLY A 72 -27.38 0.62 -3.42
CA GLY A 72 -25.99 1.05 -3.44
C GLY A 72 -25.41 1.02 -2.05
N LEU A 73 -24.15 0.61 -1.98
CA LEU A 73 -23.39 0.59 -0.75
C LEU A 73 -22.27 1.62 -0.86
N ILE A 74 -22.17 2.49 0.15
CA ILE A 74 -20.98 3.34 0.29
C ILE A 74 -20.21 2.76 1.48
N PHE A 75 -19.02 2.25 1.21
CA PHE A 75 -18.14 1.74 2.26
C PHE A 75 -17.02 2.74 2.49
N VAL A 76 -17.04 3.36 3.68
CA VAL A 76 -16.09 4.40 4.03
C VAL A 76 -14.96 3.80 4.85
N VAL A 77 -13.74 4.08 4.43
CA VAL A 77 -12.54 3.59 5.10
C VAL A 77 -11.68 4.75 5.57
N ASP A 78 -11.21 4.67 6.81
CA ASP A 78 -10.19 5.60 7.28
C ASP A 78 -8.85 5.15 6.68
N SER A 79 -8.40 5.88 5.66
CA SER A 79 -7.22 5.48 4.88
C SER A 79 -5.92 5.59 5.67
N ASN A 80 -5.97 6.31 6.79
CA ASN A 80 -4.83 6.43 7.69
C ASN A 80 -4.73 5.32 8.75
N ASP A 81 -5.78 4.52 8.88
CA ASP A 81 -5.84 3.52 9.93
C ASP A 81 -5.39 2.17 9.40
N ARG A 82 -4.07 2.00 9.29
CA ARG A 82 -3.51 0.74 8.82
C ARG A 82 -3.82 -0.43 9.76
N GLU A 83 -3.81 -0.17 11.06
CA GLU A 83 -4.05 -1.22 12.05
C GLU A 83 -5.41 -1.90 11.86
N ARG A 84 -6.39 -1.14 11.38
CA ARG A 84 -7.73 -1.69 11.24
C ARG A 84 -8.18 -1.93 9.79
N VAL A 85 -7.29 -1.77 8.81
CA VAL A 85 -7.72 -1.92 7.42
C VAL A 85 -8.16 -3.37 7.11
N ASN A 86 -7.50 -4.37 7.71
CA ASN A 86 -7.93 -5.76 7.53
C ASN A 86 -9.30 -6.04 8.14
N GLU A 87 -9.56 -5.43 9.30
CA GLU A 87 -10.88 -5.49 9.90
C GLU A 87 -11.93 -4.86 8.99
N ALA A 88 -11.60 -3.72 8.38
CA ALA A 88 -12.50 -3.11 7.39
C ALA A 88 -12.79 -4.06 6.23
N ARG A 89 -11.75 -4.69 5.69
CA ARG A 89 -11.92 -5.73 4.67
C ARG A 89 -12.86 -6.83 5.12
N GLU A 90 -12.67 -7.33 6.34
CA GLU A 90 -13.51 -8.40 6.84
C GLU A 90 -14.97 -8.00 6.89
N GLU A 91 -15.24 -6.81 7.41
CA GLU A 91 -16.61 -6.33 7.52
C GLU A 91 -17.21 -6.14 6.13
N LEU A 92 -16.42 -5.62 5.19
CA LEU A 92 -16.89 -5.46 3.82
C LEU A 92 -17.26 -6.81 3.18
N MET A 93 -16.35 -7.76 3.29
CA MET A 93 -16.59 -9.07 2.67
C MET A 93 -17.77 -9.83 3.31
N ARG A 94 -17.92 -9.71 4.63
CA ARG A 94 -19.07 -10.28 5.36
C ARG A 94 -20.39 -9.73 4.83
N MET A 95 -20.41 -8.44 4.52
CA MET A 95 -21.58 -7.80 3.94
C MET A 95 -21.81 -8.26 2.49
N LEU A 96 -20.74 -8.28 1.69
CA LEU A 96 -20.84 -8.64 0.28
C LEU A 96 -21.24 -10.11 0.06
N ALA A 97 -21.05 -10.93 1.08
CA ALA A 97 -21.49 -12.33 1.03
C ALA A 97 -23.01 -12.48 1.05
N GLU A 98 -23.72 -11.44 1.50
CA GLU A 98 -25.17 -11.49 1.67
C GLU A 98 -25.91 -11.47 0.34
N ASP A 99 -26.73 -12.51 0.12
CA ASP A 99 -27.54 -12.60 -1.09
C ASP A 99 -28.39 -11.35 -1.35
N GLU A 100 -28.89 -10.75 -0.28
CA GLU A 100 -29.75 -9.56 -0.35
C GLU A 100 -29.05 -8.42 -1.07
N LEU A 101 -27.72 -8.41 -1.02
CA LEU A 101 -26.95 -7.31 -1.59
C LEU A 101 -26.29 -7.64 -2.92
N ARG A 102 -26.64 -8.79 -3.49
CA ARG A 102 -25.94 -9.28 -4.68
C ARG A 102 -25.98 -8.34 -5.89
N ASP A 103 -27.01 -7.49 -5.95
CA ASP A 103 -27.16 -6.56 -7.06
C ASP A 103 -26.74 -5.14 -6.70
N ALA A 104 -26.41 -4.92 -5.42
CA ALA A 104 -26.00 -3.59 -4.99
C ALA A 104 -24.69 -3.19 -5.64
N VAL A 105 -24.58 -1.93 -6.03
CA VAL A 105 -23.31 -1.36 -6.48
C VAL A 105 -22.52 -0.85 -5.28
N LEU A 106 -21.20 -0.88 -5.40
CA LEU A 106 -20.31 -0.60 -4.28
C LEU A 106 -19.41 0.59 -4.57
N LEU A 107 -19.60 1.67 -3.81
CA LEU A 107 -18.68 2.81 -3.86
C LEU A 107 -17.85 2.79 -2.59
N VAL A 108 -16.53 2.69 -2.75
CA VAL A 108 -15.64 2.78 -1.61
C VAL A 108 -15.05 4.19 -1.53
N PHE A 109 -15.25 4.85 -0.38
CA PHE A 109 -14.58 6.13 -0.11
C PHE A 109 -13.33 5.85 0.70
N ALA A 110 -12.17 6.05 0.06
CA ALA A 110 -10.89 5.97 0.75
C ALA A 110 -10.65 7.33 1.39
N ASN A 111 -11.17 7.48 2.61
CA ASN A 111 -11.28 8.77 3.25
C ASN A 111 -10.05 9.19 4.05
N LYS A 112 -10.01 10.46 4.42
CA LYS A 112 -8.92 11.04 5.22
C LYS A 112 -7.61 11.13 4.44
N GLN A 113 -7.71 11.38 3.14
CA GLN A 113 -6.55 11.56 2.28
C GLN A 113 -5.69 12.79 2.63
N ASP A 114 -6.24 13.69 3.45
CA ASP A 114 -5.48 14.85 3.93
C ASP A 114 -4.35 14.47 4.88
N LEU A 115 -4.48 13.33 5.55
CA LEU A 115 -3.47 12.91 6.53
C LEU A 115 -2.23 12.41 5.78
N PRO A 116 -1.04 12.81 6.23
CA PRO A 116 0.18 12.55 5.45
C PRO A 116 0.49 11.06 5.23
N ASN A 117 0.09 10.21 6.18
CA ASN A 117 0.36 8.77 6.07
C ASN A 117 -0.83 7.98 5.54
N ALA A 118 -1.83 8.67 5.01
CA ALA A 118 -2.97 7.98 4.41
C ALA A 118 -2.55 7.08 3.24
N MET A 119 -3.09 5.87 3.22
CA MET A 119 -2.95 4.98 2.09
C MET A 119 -3.80 5.51 0.96
N ASN A 120 -3.26 5.49 -0.26
CA ASN A 120 -4.02 6.01 -1.39
C ASN A 120 -5.03 5.00 -1.94
N ALA A 121 -5.81 5.41 -2.95
CA ALA A 121 -6.85 4.57 -3.48
C ALA A 121 -6.30 3.25 -3.98
N ALA A 122 -5.16 3.28 -4.68
CA ALA A 122 -4.55 2.04 -5.17
C ALA A 122 -4.17 1.10 -4.03
N GLU A 123 -3.61 1.66 -2.97
CA GLU A 123 -3.22 0.85 -1.83
C GLU A 123 -4.43 0.25 -1.12
N ILE A 124 -5.47 1.08 -0.92
CA ILE A 124 -6.68 0.61 -0.27
C ILE A 124 -7.34 -0.49 -1.12
N THR A 125 -7.31 -0.34 -2.44
CA THR A 125 -7.83 -1.35 -3.35
C THR A 125 -7.21 -2.72 -3.07
N ASP A 126 -5.88 -2.73 -2.91
CA ASP A 126 -5.17 -3.96 -2.58
C ASP A 126 -5.57 -4.50 -1.22
N LYS A 127 -5.58 -3.62 -0.22
CA LYS A 127 -5.87 -4.02 1.15
C LYS A 127 -7.30 -4.58 1.33
N LEU A 128 -8.23 -4.11 0.51
CA LEU A 128 -9.63 -4.55 0.61
C LEU A 128 -9.90 -5.72 -0.33
N GLY A 129 -8.95 -6.03 -1.19
CA GLY A 129 -9.10 -7.12 -2.16
C GLY A 129 -10.16 -6.88 -3.24
N LEU A 130 -10.36 -5.63 -3.61
CA LEU A 130 -11.43 -5.27 -4.55
C LEU A 130 -11.30 -5.88 -5.94
N HIS A 131 -10.07 -6.08 -6.40
CA HIS A 131 -9.84 -6.61 -7.75
C HIS A 131 -10.26 -8.06 -7.92
N SER A 132 -10.45 -8.75 -6.80
CA SER A 132 -10.88 -10.14 -6.82
C SER A 132 -12.40 -10.29 -6.93
N LEU A 133 -13.13 -9.19 -6.71
CA LEU A 133 -14.59 -9.25 -6.74
C LEU A 133 -15.13 -9.63 -8.11
N ARG A 134 -16.14 -10.48 -8.11
CA ARG A 134 -16.79 -10.94 -9.33
C ARG A 134 -18.23 -10.47 -9.41
N HIS A 135 -18.67 -10.11 -10.62
CA HIS A 135 -20.08 -9.72 -10.87
C HIS A 135 -20.55 -8.59 -9.97
N ARG A 136 -19.62 -7.67 -9.71
CA ARG A 136 -19.88 -6.54 -8.82
C ARG A 136 -19.46 -5.25 -9.49
N ASN A 137 -20.38 -4.29 -9.56
CA ASN A 137 -20.06 -2.95 -10.04
C ASN A 137 -19.45 -2.21 -8.86
N TRP A 138 -18.19 -1.80 -8.98
CA TRP A 138 -17.52 -1.13 -7.85
C TRP A 138 -16.59 -0.03 -8.31
N TYR A 139 -16.36 0.92 -7.42
CA TYR A 139 -15.51 2.08 -7.69
C TYR A 139 -14.90 2.52 -6.39
N ILE A 140 -13.62 2.90 -6.43
CA ILE A 140 -13.00 3.47 -5.25
C ILE A 140 -12.61 4.92 -5.54
N GLN A 141 -12.88 5.79 -4.57
CA GLN A 141 -12.62 7.21 -4.71
C GLN A 141 -11.87 7.73 -3.49
N ALA A 142 -10.70 8.30 -3.74
CA ALA A 142 -9.93 8.97 -2.69
C ALA A 142 -10.69 10.22 -2.27
N THR A 143 -10.89 10.40 -0.96
CA THR A 143 -11.61 11.58 -0.47
C THR A 143 -10.99 12.18 0.76
N CYS A 144 -11.23 13.48 0.91
CA CYS A 144 -11.09 14.12 2.21
C CYS A 144 -12.43 14.74 2.52
N ALA A 145 -13.17 14.14 3.45
CA ALA A 145 -14.52 14.58 3.77
C ALA A 145 -14.56 16.03 4.26
N THR A 146 -13.57 16.43 5.06
CA THR A 146 -13.54 17.78 5.63
C THR A 146 -13.33 18.88 4.59
N SER A 147 -12.59 18.58 3.54
CA SER A 147 -12.37 19.55 2.47
C SER A 147 -13.37 19.38 1.32
N GLY A 148 -14.05 18.24 1.28
CA GLY A 148 -14.98 17.92 0.22
C GLY A 148 -14.36 17.23 -0.98
N ASP A 149 -13.03 17.16 -1.01
CA ASP A 149 -12.35 16.62 -2.18
C ASP A 149 -12.75 15.17 -2.44
N GLY A 150 -13.14 14.90 -3.69
CA GLY A 150 -13.44 13.54 -4.13
C GLY A 150 -14.89 13.12 -3.99
N LEU A 151 -15.67 13.88 -3.22
CA LEU A 151 -17.05 13.46 -2.93
C LEU A 151 -17.94 13.47 -4.17
N TYR A 152 -17.90 14.56 -4.93
CA TYR A 152 -18.77 14.65 -6.10
C TYR A 152 -18.39 13.64 -7.17
N GLU A 153 -17.11 13.30 -7.25
CA GLU A 153 -16.65 12.28 -8.18
C GLU A 153 -17.23 10.92 -7.82
N GLY A 154 -17.24 10.60 -6.53
CA GLY A 154 -17.91 9.40 -6.04
C GLY A 154 -19.37 9.36 -6.44
N LEU A 155 -20.06 10.49 -6.21
CA LEU A 155 -21.47 10.62 -6.55
C LEU A 155 -21.74 10.54 -8.05
N ASP A 156 -20.81 11.03 -8.87
CA ASP A 156 -20.92 10.90 -10.32
C ASP A 156 -21.03 9.42 -10.73
N TRP A 157 -20.11 8.61 -10.20
CA TRP A 157 -20.14 7.18 -10.48
C TRP A 157 -21.44 6.51 -9.98
N LEU A 158 -21.81 6.82 -8.74
CA LEU A 158 -22.99 6.21 -8.12
C LEU A 158 -24.29 6.60 -8.83
N SER A 159 -24.44 7.89 -9.15
CA SER A 159 -25.58 8.35 -9.96
C SER A 159 -25.62 7.66 -11.33
N ASN A 160 -24.47 7.51 -11.99
CA ASN A 160 -24.41 6.81 -13.28
C ASN A 160 -24.82 5.34 -13.18
N GLN A 161 -24.42 4.69 -12.10
CA GLN A 161 -24.82 3.29 -11.87
C GLN A 161 -26.31 3.10 -11.71
N LEU A 162 -26.97 4.05 -11.05
CA LEU A 162 -28.34 3.84 -10.60
C LEU A 162 -29.39 4.49 -11.50
N ARG A 163 -29.00 5.51 -12.26
CA ARG A 163 -29.87 6.13 -13.26
C ARG A 163 -29.77 5.40 -14.59
N ASN A 164 -30.82 5.47 -15.40
CA ASN A 164 -30.86 4.77 -16.68
C ASN A 164 -30.91 5.71 -17.89
N GLN A 165 -30.94 7.01 -17.62
CA GLN A 165 -30.98 8.04 -18.65
C GLN A 165 -30.70 9.39 -17.98
N LYS A 166 -30.51 10.42 -18.80
CA LYS A 166 -30.29 11.77 -18.30
C LYS A 166 -31.47 12.26 -17.46
N GLY B 1 38.89 -5.96 6.72
CA GLY B 1 38.99 -4.60 6.11
C GLY B 1 37.98 -4.37 5.01
N SER B 2 37.19 -5.40 4.70
CA SER B 2 36.13 -5.31 3.70
C SER B 2 34.90 -6.10 4.13
N MET B 3 33.74 -5.43 4.11
CA MET B 3 32.45 -6.04 4.44
C MET B 3 31.84 -6.63 3.18
N ARG B 4 31.38 -7.88 3.25
CA ARG B 4 30.75 -8.56 2.12
C ARG B 4 29.25 -8.26 2.07
N ILE B 5 28.81 -7.67 0.97
CA ILE B 5 27.40 -7.32 0.78
C ILE B 5 26.87 -8.02 -0.47
N LEU B 6 25.69 -8.61 -0.34
CA LEU B 6 24.98 -9.18 -1.48
C LEU B 6 23.77 -8.29 -1.80
N MET B 7 23.71 -7.80 -3.05
CA MET B 7 22.60 -6.96 -3.47
C MET B 7 21.78 -7.70 -4.52
N VAL B 8 20.53 -7.95 -4.17
CA VAL B 8 19.62 -8.75 -4.99
C VAL B 8 18.26 -8.09 -5.04
N GLY B 9 17.36 -8.69 -5.81
CA GLY B 9 16.10 -8.06 -6.15
C GLY B 9 15.74 -8.45 -7.56
N LEU B 10 14.49 -8.25 -7.94
CA LEU B 10 14.05 -8.62 -9.28
C LEU B 10 14.83 -7.84 -10.34
N ASP B 11 14.85 -8.39 -11.55
CA ASP B 11 15.31 -7.64 -12.71
C ASP B 11 14.63 -6.28 -12.81
N ALA B 12 15.38 -5.30 -13.31
CA ALA B 12 14.92 -3.92 -13.51
C ALA B 12 14.70 -3.13 -12.21
N ALA B 13 15.08 -3.67 -11.05
CA ALA B 13 14.83 -2.98 -9.78
C ALA B 13 15.71 -1.75 -9.59
N GLY B 14 16.93 -1.82 -10.14
CA GLY B 14 17.86 -0.71 -10.07
C GLY B 14 19.19 -1.06 -9.42
N LYS B 15 19.46 -2.35 -9.25
CA LYS B 15 20.66 -2.80 -8.55
C LYS B 15 21.98 -2.33 -9.18
N THR B 16 22.14 -2.57 -10.47
CA THR B 16 23.39 -2.17 -11.13
C THR B 16 23.56 -0.65 -11.11
N THR B 17 22.45 0.05 -11.28
CA THR B 17 22.45 1.50 -11.20
C THR B 17 22.95 1.95 -9.83
N ILE B 18 22.41 1.34 -8.77
CA ILE B 18 22.85 1.67 -7.42
C ILE B 18 24.34 1.34 -7.22
N LEU B 19 24.77 0.17 -7.68
CA LEU B 19 26.16 -0.26 -7.48
C LEU B 19 27.13 0.79 -8.01
N TYR B 20 26.89 1.26 -9.23
CA TYR B 20 27.81 2.19 -9.87
C TYR B 20 27.64 3.62 -9.39
N LYS B 21 26.45 3.97 -8.91
CA LYS B 21 26.29 5.27 -8.27
C LYS B 21 27.14 5.30 -6.99
N LEU B 22 27.11 4.22 -6.22
CA LEU B 22 27.92 4.14 -5.00
C LEU B 22 29.41 4.05 -5.28
N LYS B 23 29.78 3.25 -6.28
CA LYS B 23 31.21 3.07 -6.63
C LYS B 23 31.83 4.30 -7.29
N LEU B 24 31.08 4.93 -8.21
CA LEU B 24 31.63 5.94 -9.11
C LEU B 24 31.08 7.34 -8.93
N GLY B 25 29.95 7.47 -8.24
CA GLY B 25 29.29 8.75 -8.09
C GLY B 25 28.68 9.22 -9.40
N GLU B 26 28.35 8.28 -10.27
CA GLU B 26 27.71 8.58 -11.55
C GLU B 26 26.61 7.58 -11.84
N ILE B 27 25.66 8.00 -12.67
CA ILE B 27 24.62 7.12 -13.19
C ILE B 27 25.11 6.57 -14.51
N VAL B 28 25.31 5.26 -14.57
CA VAL B 28 25.81 4.61 -15.78
C VAL B 28 24.68 3.92 -16.56
N THR B 29 24.82 3.86 -17.88
CA THR B 29 23.90 3.06 -18.68
C THR B 29 24.12 1.59 -18.37
N THR B 30 23.01 0.85 -18.33
CA THR B 30 23.04 -0.58 -18.07
C THR B 30 22.24 -1.37 -19.08
N ILE B 31 22.55 -2.66 -19.14
CA ILE B 31 21.67 -3.67 -19.70
C ILE B 31 21.36 -4.68 -18.58
N PRO B 32 20.33 -5.51 -18.73
CA PRO B 32 20.09 -6.54 -17.73
C PRO B 32 21.33 -7.39 -17.50
N THR B 33 21.63 -7.68 -16.23
CA THR B 33 22.86 -8.36 -15.84
C THR B 33 22.70 -9.87 -15.94
N ILE B 34 23.38 -10.47 -16.90
CA ILE B 34 23.35 -11.91 -17.09
C ILE B 34 24.56 -12.51 -16.41
N GLY B 35 24.44 -12.70 -15.10
CA GLY B 35 25.54 -13.11 -14.27
C GLY B 35 25.57 -12.18 -13.07
N PHE B 36 26.75 -11.62 -12.81
CA PHE B 36 26.91 -10.69 -11.70
C PHE B 36 27.91 -9.56 -11.97
N ASN B 37 27.79 -8.50 -11.19
CA ASN B 37 28.82 -7.47 -11.10
C ASN B 37 29.36 -7.45 -9.68
N VAL B 38 30.62 -7.05 -9.52
CA VAL B 38 31.17 -6.88 -8.19
C VAL B 38 32.06 -5.65 -8.14
N GLU B 39 31.79 -4.79 -7.17
CA GLU B 39 32.64 -3.61 -6.96
C GLU B 39 32.80 -3.38 -5.48
N THR B 40 33.95 -2.84 -5.12
CA THR B 40 34.25 -2.44 -3.75
C THR B 40 34.05 -0.95 -3.59
N VAL B 41 33.10 -0.60 -2.74
CA VAL B 41 32.76 0.78 -2.47
C VAL B 41 33.48 1.25 -1.23
N GLU B 42 34.20 2.37 -1.38
CA GLU B 42 34.84 3.02 -0.25
C GLU B 42 33.88 4.08 0.27
N TYR B 43 33.41 3.89 1.49
CA TYR B 43 32.46 4.83 2.08
C TYR B 43 32.83 5.18 3.52
N LYS B 44 33.00 6.47 3.79
CA LYS B 44 33.24 6.95 5.16
C LYS B 44 34.32 6.14 5.90
N ASN B 45 35.43 5.92 5.19
CA ASN B 45 36.60 5.17 5.68
C ASN B 45 36.43 3.65 5.84
N ILE B 46 35.31 3.11 5.37
CA ILE B 46 35.11 1.66 5.41
C ILE B 46 34.81 1.09 4.00
N SER B 47 35.21 -0.16 3.78
CA SER B 47 35.10 -0.80 2.47
C SER B 47 33.98 -1.83 2.42
N PHE B 48 33.20 -1.77 1.36
CA PHE B 48 32.13 -2.73 1.14
C PHE B 48 32.27 -3.35 -0.24
N THR B 49 32.56 -4.65 -0.27
CA THR B 49 32.53 -5.37 -1.55
C THR B 49 31.11 -5.85 -1.80
N VAL B 50 30.51 -5.32 -2.86
CA VAL B 50 29.11 -5.50 -3.16
C VAL B 50 28.96 -6.37 -4.40
N TRP B 51 28.26 -7.48 -4.24
CA TRP B 51 27.96 -8.39 -5.33
C TRP B 51 26.54 -8.12 -5.80
N ASP B 52 26.43 -7.68 -7.04
CA ASP B 52 25.16 -7.33 -7.67
C ASP B 52 24.84 -8.47 -8.62
N VAL B 53 23.90 -9.32 -8.23
CA VAL B 53 23.60 -10.54 -8.98
C VAL B 53 22.30 -10.33 -9.73
N GLY B 54 22.31 -10.64 -11.03
CA GLY B 54 21.17 -10.43 -11.90
C GLY B 54 19.88 -11.02 -11.38
N GLY B 55 18.78 -10.29 -11.57
CA GLY B 55 17.50 -10.71 -11.05
C GLY B 55 16.53 -11.32 -12.04
N LEU B 56 16.91 -11.46 -13.30
CA LEU B 56 16.06 -12.14 -14.27
C LEU B 56 15.72 -13.54 -13.77
N ASP B 57 14.48 -13.95 -14.00
CA ASP B 57 14.00 -15.26 -13.56
C ASP B 57 14.99 -16.38 -13.87
N LYS B 58 15.57 -16.34 -15.07
CA LYS B 58 16.51 -17.36 -15.54
C LYS B 58 17.77 -17.52 -14.68
N ILE B 59 18.29 -16.41 -14.16
CA ILE B 59 19.56 -16.47 -13.42
C ILE B 59 19.44 -16.22 -11.92
N ARG B 60 18.22 -15.90 -11.48
CA ARG B 60 17.88 -15.86 -10.06
C ARG B 60 18.33 -17.08 -9.24
N PRO B 61 18.25 -18.29 -9.78
CA PRO B 61 18.74 -19.46 -9.07
C PRO B 61 20.20 -19.36 -8.64
N LEU B 62 20.98 -18.50 -9.31
CA LEU B 62 22.38 -18.33 -8.99
C LEU B 62 22.66 -17.49 -7.74
N TRP B 63 21.64 -16.80 -7.21
CA TRP B 63 21.80 -16.04 -5.96
C TRP B 63 22.36 -16.90 -4.83
N ARG B 64 21.91 -18.16 -4.78
CA ARG B 64 22.30 -19.15 -3.77
C ARG B 64 23.80 -19.27 -3.58
N HIS B 65 24.54 -19.17 -4.69
CA HIS B 65 26.00 -19.30 -4.67
C HIS B 65 26.70 -18.16 -3.93
N TYR B 66 25.97 -17.10 -3.60
CA TYR B 66 26.57 -15.92 -2.98
C TYR B 66 26.19 -15.73 -1.53
N PHE B 67 25.40 -16.65 -0.98
CA PHE B 67 24.89 -16.52 0.39
C PHE B 67 25.99 -16.66 1.43
N GLN B 68 26.84 -17.66 1.26
CA GLN B 68 27.92 -17.95 2.20
C GLN B 68 28.78 -16.71 2.46
N ASN B 69 28.98 -16.41 3.75
CA ASN B 69 29.85 -15.32 4.21
C ASN B 69 29.32 -13.90 3.99
N THR B 70 28.09 -13.79 3.51
CA THR B 70 27.44 -12.49 3.34
C THR B 70 27.11 -11.87 4.69
N GLN B 71 27.55 -10.64 4.89
CA GLN B 71 27.35 -9.90 6.14
C GLN B 71 26.15 -8.95 6.06
N GLY B 72 25.98 -8.32 4.91
CA GLY B 72 24.84 -7.45 4.68
C GLY B 72 24.10 -7.84 3.43
N LEU B 73 22.78 -7.75 3.48
CA LEU B 73 21.93 -8.03 2.34
C LEU B 73 21.23 -6.71 1.97
N ILE B 74 21.35 -6.31 0.70
CA ILE B 74 20.58 -5.20 0.19
C ILE B 74 19.55 -5.78 -0.77
N PHE B 75 18.28 -5.60 -0.44
CA PHE B 75 17.21 -6.04 -1.31
C PHE B 75 16.58 -4.82 -1.97
N VAL B 76 16.69 -4.74 -3.30
CA VAL B 76 16.21 -3.57 -4.04
C VAL B 76 14.88 -3.90 -4.70
N VAL B 77 13.88 -3.03 -4.50
CA VAL B 77 12.54 -3.22 -5.04
C VAL B 77 12.18 -2.05 -5.93
N ASP B 78 11.60 -2.34 -7.08
CA ASP B 78 10.99 -1.30 -7.92
C ASP B 78 9.64 -0.90 -7.31
N SER B 79 9.62 0.27 -6.66
CA SER B 79 8.44 0.72 -5.91
C SER B 79 7.29 1.12 -6.82
N ASN B 80 7.56 1.24 -8.11
CA ASN B 80 6.53 1.57 -9.09
C ASN B 80 5.90 0.33 -9.73
N ASP B 81 6.45 -0.85 -9.42
CA ASP B 81 5.99 -2.08 -10.06
C ASP B 81 4.99 -2.86 -9.21
N ARG B 82 3.71 -2.48 -9.27
CA ARG B 82 2.67 -3.12 -8.47
C ARG B 82 2.46 -4.59 -8.84
N GLU B 83 2.59 -4.90 -10.12
CA GLU B 83 2.29 -6.25 -10.63
C GLU B 83 3.26 -7.31 -10.07
N ARG B 84 4.46 -6.90 -9.72
CA ARG B 84 5.49 -7.87 -9.33
C ARG B 84 5.89 -7.79 -7.87
N VAL B 85 5.08 -7.13 -7.05
CA VAL B 85 5.41 -7.02 -5.63
C VAL B 85 5.39 -8.38 -4.87
N ASN B 86 4.42 -9.26 -5.16
CA ASN B 86 4.43 -10.58 -4.49
C ASN B 86 5.64 -11.40 -4.89
N GLU B 87 6.04 -11.29 -6.15
CA GLU B 87 7.25 -11.95 -6.63
C GLU B 87 8.48 -11.47 -5.85
N ALA B 88 8.60 -10.15 -5.66
CA ALA B 88 9.67 -9.61 -4.83
C ALA B 88 9.58 -10.16 -3.40
N ARG B 89 8.38 -10.11 -2.83
CA ARG B 89 8.14 -10.61 -1.48
C ARG B 89 8.56 -12.06 -1.31
N GLU B 90 8.13 -12.93 -2.21
CA GLU B 90 8.46 -14.34 -2.05
C GLU B 90 9.97 -14.58 -2.21
N GLU B 91 10.63 -13.84 -3.10
CA GLU B 91 12.08 -14.01 -3.28
C GLU B 91 12.85 -13.59 -2.03
N LEU B 92 12.48 -12.46 -1.45
CA LEU B 92 13.07 -12.02 -0.19
C LEU B 92 12.84 -13.03 0.91
N MET B 93 11.59 -13.50 1.04
CA MET B 93 11.25 -14.40 2.14
C MET B 93 11.95 -15.76 2.05
N ARG B 94 12.09 -16.28 0.83
CA ARG B 94 12.84 -17.52 0.62
C ARG B 94 14.32 -17.35 0.94
N MET B 95 14.87 -16.20 0.59
CA MET B 95 16.26 -15.93 0.91
C MET B 95 16.47 -15.82 2.42
N LEU B 96 15.55 -15.16 3.11
CA LEU B 96 15.66 -14.98 4.57
C LEU B 96 15.48 -16.27 5.36
N ALA B 97 14.92 -17.28 4.71
CA ALA B 97 14.77 -18.63 5.31
C ALA B 97 16.07 -19.44 5.30
N GLU B 98 17.09 -18.93 4.60
CA GLU B 98 18.34 -19.64 4.38
C GLU B 98 19.24 -19.54 5.61
N ASP B 99 19.68 -20.68 6.13
CA ASP B 99 20.54 -20.67 7.32
C ASP B 99 21.86 -19.91 7.14
N GLU B 100 22.38 -19.92 5.91
CA GLU B 100 23.61 -19.21 5.58
C GLU B 100 23.49 -17.69 5.73
N LEU B 101 22.26 -17.20 5.76
CA LEU B 101 21.99 -15.77 5.89
C LEU B 101 21.41 -15.38 7.25
N ARG B 102 21.46 -16.30 8.21
CA ARG B 102 20.87 -16.08 9.53
C ARG B 102 21.27 -14.76 10.21
N ASP B 103 22.54 -14.41 10.12
CA ASP B 103 23.08 -13.22 10.80
C ASP B 103 23.13 -11.97 9.93
N ALA B 104 22.73 -12.09 8.66
CA ALA B 104 22.79 -10.96 7.73
C ALA B 104 21.93 -9.78 8.20
N VAL B 105 22.48 -8.58 8.08
CA VAL B 105 21.76 -7.32 8.30
C VAL B 105 21.08 -6.99 6.96
N LEU B 106 19.79 -6.64 7.02
CA LEU B 106 18.98 -6.41 5.81
C LEU B 106 18.61 -4.95 5.61
N LEU B 107 19.03 -4.40 4.49
CA LEU B 107 18.64 -3.05 4.07
C LEU B 107 17.76 -3.24 2.84
N VAL B 108 16.53 -2.74 2.91
CA VAL B 108 15.63 -2.74 1.76
C VAL B 108 15.64 -1.34 1.15
N PHE B 109 15.97 -1.27 -0.14
CA PHE B 109 15.85 0.00 -0.87
C PHE B 109 14.53 -0.03 -1.65
N ALA B 110 13.60 0.82 -1.24
CA ALA B 110 12.35 0.98 -1.96
C ALA B 110 12.66 2.03 -3.02
N ASN B 111 13.08 1.54 -4.17
CA ASN B 111 13.68 2.36 -5.22
C ASN B 111 12.64 2.93 -6.20
N LYS B 112 13.07 3.89 -7.01
CA LYS B 112 12.25 4.58 -8.01
C LYS B 112 11.16 5.47 -7.39
N GLN B 113 11.48 6.07 -6.25
CA GLN B 113 10.55 7.00 -5.60
C GLN B 113 10.32 8.30 -6.38
N ASP B 114 11.12 8.54 -7.41
CA ASP B 114 10.92 9.71 -8.28
C ASP B 114 9.66 9.57 -9.14
N LEU B 115 9.21 8.34 -9.36
CA LEU B 115 8.09 8.11 -10.26
C LEU B 115 6.78 8.47 -9.56
N PRO B 116 5.85 9.10 -10.28
CA PRO B 116 4.66 9.70 -9.64
C PRO B 116 3.75 8.71 -8.92
N ASN B 117 3.73 7.44 -9.35
CA ASN B 117 2.85 6.44 -8.74
C ASN B 117 3.59 5.44 -7.86
N ALA B 118 4.83 5.77 -7.50
CA ALA B 118 5.63 4.88 -6.65
C ALA B 118 4.93 4.65 -5.32
N MET B 119 4.91 3.39 -4.88
CA MET B 119 4.48 3.03 -3.55
C MET B 119 5.50 3.53 -2.55
N ASN B 120 5.03 4.10 -1.44
CA ASN B 120 5.97 4.59 -0.43
C ASN B 120 6.54 3.50 0.47
N ALA B 121 7.48 3.88 1.34
CA ALA B 121 8.14 2.90 2.19
C ALA B 121 7.18 2.10 3.05
N ALA B 122 6.13 2.75 3.58
CA ALA B 122 5.15 2.07 4.41
C ALA B 122 4.38 1.01 3.63
N GLU B 123 4.02 1.34 2.39
CA GLU B 123 3.31 0.41 1.53
C GLU B 123 4.19 -0.79 1.17
N ILE B 124 5.45 -0.53 0.81
CA ILE B 124 6.40 -1.59 0.48
C ILE B 124 6.67 -2.47 1.70
N THR B 125 6.80 -1.85 2.87
CA THR B 125 6.96 -2.58 4.13
C THR B 125 5.83 -3.60 4.32
N ASP B 126 4.61 -3.13 4.13
CA ASP B 126 3.44 -3.98 4.23
C ASP B 126 3.45 -5.10 3.20
N LYS B 127 3.67 -4.75 1.93
CA LYS B 127 3.62 -5.71 0.82
C LYS B 127 4.73 -6.76 0.86
N LEU B 128 5.87 -6.39 1.44
CA LEU B 128 6.97 -7.33 1.63
C LEU B 128 6.85 -8.11 2.94
N GLY B 129 5.89 -7.73 3.78
CA GLY B 129 5.69 -8.34 5.08
C GLY B 129 6.84 -8.20 6.06
N LEU B 130 7.49 -7.04 6.07
CA LEU B 130 8.69 -6.85 6.88
C LEU B 130 8.40 -6.79 8.37
N HIS B 131 7.22 -6.29 8.74
CA HIS B 131 6.86 -6.19 10.15
C HIS B 131 6.64 -7.54 10.80
N SER B 132 6.52 -8.58 9.98
CA SER B 132 6.35 -9.95 10.47
C SER B 132 7.70 -10.61 10.79
N LEU B 133 8.80 -10.02 10.33
CA LEU B 133 10.12 -10.58 10.60
C LEU B 133 10.48 -10.55 12.07
N ARG B 134 11.13 -11.60 12.53
CA ARG B 134 11.71 -11.66 13.87
C ARG B 134 13.15 -12.13 13.75
N HIS B 135 13.98 -11.82 14.74
CA HIS B 135 15.38 -12.23 14.78
C HIS B 135 16.19 -11.61 13.63
N ARG B 136 15.77 -10.43 13.17
CA ARG B 136 16.38 -9.79 11.99
C ARG B 136 16.54 -8.29 12.17
N ASN B 137 17.75 -7.79 11.95
CA ASN B 137 17.98 -6.36 11.96
C ASN B 137 17.74 -5.84 10.56
N TRP B 138 16.60 -5.18 10.38
CA TRP B 138 16.21 -4.66 9.08
C TRP B 138 15.82 -3.19 9.09
N TYR B 139 15.93 -2.58 7.92
CA TYR B 139 15.65 -1.16 7.73
C TYR B 139 15.22 -1.01 6.30
N ILE B 140 14.21 -0.17 6.09
CA ILE B 140 13.78 0.17 4.75
C ILE B 140 14.06 1.66 4.50
N GLN B 141 14.57 1.93 3.31
CA GLN B 141 14.95 3.27 2.89
C GLN B 141 14.32 3.56 1.53
N ALA B 142 13.50 4.61 1.47
CA ALA B 142 12.99 5.09 0.18
C ALA B 142 14.15 5.72 -0.61
N THR B 143 14.27 5.36 -1.89
CA THR B 143 15.37 5.88 -2.69
C THR B 143 14.96 6.26 -4.09
N CYS B 144 15.76 7.14 -4.69
CA CYS B 144 15.81 7.31 -6.13
C CYS B 144 17.27 7.12 -6.51
N ALA B 145 17.58 5.98 -7.10
CA ALA B 145 18.95 5.66 -7.46
C ALA B 145 19.53 6.70 -8.41
N THR B 146 18.70 7.19 -9.33
CA THR B 146 19.18 8.07 -10.39
C THR B 146 19.51 9.48 -9.93
N SER B 147 18.92 9.92 -8.83
CA SER B 147 19.31 11.18 -8.22
C SER B 147 20.21 10.98 -7.02
N GLY B 148 20.27 9.74 -6.52
CA GLY B 148 21.07 9.41 -5.36
C GLY B 148 20.34 9.60 -4.04
N ASP B 149 19.13 10.15 -4.09
CA ASP B 149 18.32 10.41 -2.91
C ASP B 149 18.07 9.13 -2.12
N GLY B 150 18.40 9.17 -0.83
CA GLY B 150 18.19 8.04 0.04
C GLY B 150 19.28 6.97 0.08
N LEU B 151 20.14 6.92 -0.93
CA LEU B 151 21.16 5.86 -0.99
C LEU B 151 22.12 5.90 0.18
N TYR B 152 22.68 7.09 0.43
CA TYR B 152 23.67 7.23 1.49
C TYR B 152 23.08 7.20 2.90
N GLU B 153 21.82 7.60 3.04
CA GLU B 153 21.09 7.40 4.28
C GLU B 153 20.96 5.91 4.60
N GLY B 154 20.66 5.11 3.58
CA GLY B 154 20.59 3.66 3.74
C GLY B 154 21.96 3.08 4.05
N LEU B 155 22.96 3.52 3.29
CA LEU B 155 24.33 3.06 3.49
C LEU B 155 24.91 3.46 4.86
N ASP B 156 24.56 4.66 5.34
CA ASP B 156 24.96 5.09 6.69
C ASP B 156 24.43 4.12 7.72
N TRP B 157 23.15 3.75 7.58
CA TRP B 157 22.54 2.78 8.48
C TRP B 157 23.26 1.44 8.42
N LEU B 158 23.45 0.91 7.21
CA LEU B 158 24.04 -0.40 7.03
C LEU B 158 25.47 -0.46 7.58
N SER B 159 26.25 0.57 7.25
CA SER B 159 27.63 0.68 7.70
C SER B 159 27.70 0.67 9.23
N ASN B 160 26.88 1.50 9.86
CA ASN B 160 26.86 1.58 11.32
C ASN B 160 26.46 0.24 11.96
N GLN B 161 25.51 -0.44 11.33
CA GLN B 161 24.95 -1.67 11.87
C GLN B 161 25.84 -2.88 11.63
N LEU B 162 26.82 -2.75 10.74
CA LEU B 162 27.76 -3.85 10.48
C LEU B 162 29.01 -3.79 11.35
N ARG B 163 29.14 -2.70 12.12
CA ARG B 163 30.32 -2.47 12.96
C ARG B 163 30.02 -2.82 14.41
N ASN B 164 31.05 -3.26 15.13
CA ASN B 164 30.93 -3.50 16.58
C ASN B 164 31.56 -2.39 17.42
N GLN B 165 32.20 -1.42 16.76
CA GLN B 165 32.67 -0.20 17.41
C GLN B 165 33.06 0.81 16.34
N LYS B 166 33.26 2.07 16.74
CA LYS B 166 33.88 3.05 15.85
C LYS B 166 34.86 3.94 16.59
MG MG C . -21.33 8.37 12.79
PG GTP D . -19.38 6.10 13.69
O1G GTP D . -18.84 5.52 14.96
O2G GTP D . -20.51 7.10 14.01
O3G GTP D . -19.84 5.03 12.70
O3B GTP D . -18.16 6.95 13.03
PB GTP D . -18.24 7.73 11.62
O1B GTP D . -17.87 6.87 10.47
O2B GTP D . -19.58 8.44 11.46
O3A GTP D . -17.10 8.87 11.81
PA GTP D . -17.32 10.46 11.98
O1A GTP D . -17.99 11.01 10.78
O2A GTP D . -17.95 10.73 13.35
O5' GTP D . -15.80 10.96 11.96
C5' GTP D . -14.87 10.51 12.94
C4' GTP D . -13.74 11.53 13.06
O4' GTP D . -13.02 11.56 11.84
C3' GTP D . -14.25 12.94 13.32
O3' GTP D . -13.39 13.55 14.28
C2' GTP D . -14.15 13.60 11.97
O2' GTP D . -13.99 15.01 12.01
C1' GTP D . -12.93 12.91 11.39
N9 GTP D . -12.91 12.92 9.92
C8 GTP D . -13.92 12.63 9.03
N7 GTP D . -13.43 12.77 7.78
C5 GTP D . -12.10 13.13 7.86
C6 GTP D . -11.11 13.39 6.92
O6 GTP D . -11.30 13.35 5.69
N1 GTP D . -9.86 13.74 7.37
C2 GTP D . -9.57 13.81 8.71
N2 GTP D . -8.34 14.14 9.08
N3 GTP D . -10.54 13.54 9.65
C4 GTP D . -11.79 13.23 9.21
MG MG E . 21.98 -5.41 -13.34
PG GTP F . 19.06 -6.78 -13.52
O1G GTP F . 18.18 -7.49 -14.49
O2G GTP F . 20.44 -6.58 -14.14
O3G GTP F . 19.15 -7.54 -12.18
O3B GTP F . 18.36 -5.34 -13.25
PB GTP F . 18.93 -4.21 -12.23
O1B GTP F . 18.34 -4.39 -10.89
O2B GTP F . 20.45 -4.17 -12.28
O3A GTP F . 18.34 -2.86 -12.90
PA GTP F . 19.19 -1.65 -13.56
O1A GTP F . 20.13 -1.07 -12.59
O2A GTP F . 19.78 -2.17 -14.88
O5' GTP F . 18.04 -0.58 -13.81
C5' GTP F . 16.92 -0.92 -14.60
C4' GTP F . 16.26 0.34 -15.11
O4' GTP F . 15.75 1.08 -14.02
C3' GTP F . 17.24 1.24 -15.83
O3' GTP F . 16.64 1.69 -17.04
C2' GTP F . 17.47 2.40 -14.89
O2' GTP F . 17.68 3.62 -15.56
C1' GTP F . 16.16 2.43 -14.14
N9 GTP F . 16.24 2.96 -12.77
C8 GTP F . 17.10 2.57 -11.77
N7 GTP F . 16.84 3.31 -10.67
C5 GTP F . 15.82 4.14 -10.95
C6 GTP F . 15.14 5.12 -10.21
O6 GTP F . 15.38 5.38 -9.02
N1 GTP F . 14.12 5.82 -10.83
C2 GTP F . 13.78 5.59 -12.14
N2 GTP F . 12.79 6.28 -12.70
N3 GTP F . 14.44 4.63 -12.87
C4 GTP F . 15.44 3.94 -12.27
#